data_9U70
#
_entry.id   9U70
#
loop_
_entity.id
_entity.type
_entity.pdbx_description
1 polymer "DNA/RNA (5'-R(*GP*GP*AP*UP*GP*CP*UP*UP*UP*CP*GP*AP*GP*C)-D(P*G)-R(P*AP*UP*CP*C)-3')"
2 non-polymer 1-cyclopropyl-N-[3-(dimethylamino)propyl]-7-(4-ethylpiperazin-1-yl)-6-fluoranyl-4-oxidanylidene-quinoline-3-carboxamide
#
_entity_poly.entity_id   1
_entity_poly.type   'polydeoxyribonucleotide/polyribonucleotide hybrid'
_entity_poly.pdbx_seq_one_letter_code
;GGAUGCUUUCGAGC(DG)AUCC
;
_entity_poly.pdbx_strand_id   A
#